data_7N5Y
#
_entry.id   7N5Y
#
_cell.length_a   72.717
_cell.length_b   104.729
_cell.length_c   38.050
_cell.angle_alpha   90.000
_cell.angle_beta   90.000
_cell.angle_gamma   90.000
#
_symmetry.space_group_name_H-M   'P 21 21 2'
#
loop_
_entity.id
_entity.type
_entity.pdbx_description
1 polymer 'Tyrosine-protein kinase BTK'
2 non-polymer IMIDAZOLE
3 non-polymer 5-(1-{[(3S)-1-propanoylpyrrolidin-3-yl]oxy}isoquinolin-3-yl)-2,4-dihydro-3H-1,2,4-triazol-3-one
4 non-polymer 'DIMETHYL SULFOXIDE'
5 water water
#
_entity_poly.entity_id   1
_entity_poly.type   'polypeptide(L)'
_entity_poly.pdbx_seq_one_letter_code
;GPLPGKNAPSTAGLGYGSWEIDPKDLTFLKELGTGQFGVVKYGKWRGQYDVAIKMIKEGSMSEDEFIEEAKVMMNLSHEK
LVQLYGVCTKQRPIFIITEYMANGCLLNYLREMRHRFQTQQLLEMCKDVCEAMEYLESKQFLHRDLAARNCLVNDQGVVK
VSDFGLSRYVLDDEYTSSVGSKFPVRWSPPEVLMYSKFSSKSDIWAFGVLMWEIYSLGKMPYERFTNSETAEHIAQGLRL
YRPHLASEKVYTIMYSCWHEKADERPTFKILLSNILDVMDEES
;
_entity_poly.pdbx_strand_id   A
#
loop_
_chem_comp.id
_chem_comp.type
_chem_comp.name
_chem_comp.formula
0CI non-polymer 5-(1-{[(3S)-1-propanoylpyrrolidin-3-yl]oxy}isoquinolin-3-yl)-2,4-dihydro-3H-1,2,4-triazol-3-one 'C18 H19 N5 O3'
DMS non-polymer 'DIMETHYL SULFOXIDE' 'C2 H6 O S'
IMD non-polymer IMIDAZOLE 'C3 H5 N2 1'
#
# COMPACT_ATOMS: atom_id res chain seq x y z
N GLY A 13 -12.07 -10.65 26.54
CA GLY A 13 -12.26 -10.97 28.00
C GLY A 13 -11.64 -9.92 28.91
N LEU A 14 -11.55 -10.23 30.20
CA LEU A 14 -11.32 -9.29 31.33
C LEU A 14 -10.18 -8.31 31.04
N GLY A 15 -8.98 -8.80 30.73
CA GLY A 15 -7.79 -7.96 30.60
C GLY A 15 -7.60 -7.36 29.21
N TYR A 16 -8.67 -7.17 28.40
CA TYR A 16 -8.57 -6.87 26.94
C TYR A 16 -9.54 -5.78 26.49
N GLY A 17 -8.99 -4.71 25.90
CA GLY A 17 -9.76 -3.71 25.14
C GLY A 17 -10.20 -4.25 23.80
N SER A 18 -11.12 -3.57 23.12
CA SER A 18 -11.70 -3.95 21.81
C SER A 18 -10.61 -4.09 20.74
N TRP A 19 -9.47 -3.44 20.92
CA TRP A 19 -8.38 -3.41 19.90
C TRP A 19 -7.35 -4.51 20.18
N GLU A 20 -7.57 -5.30 21.25
CA GLU A 20 -6.56 -6.22 21.81
C GLU A 20 -6.98 -7.67 21.61
N ILE A 21 -6.08 -8.48 21.05
CA ILE A 21 -6.30 -9.93 20.80
C ILE A 21 -5.47 -10.70 21.81
N ASP A 22 -6.06 -11.75 22.38
CA ASP A 22 -5.34 -12.67 23.29
C ASP A 22 -4.46 -13.53 22.42
N PRO A 23 -3.12 -13.45 22.53
CA PRO A 23 -2.24 -14.28 21.69
C PRO A 23 -2.45 -15.78 21.93
N LYS A 24 -3.05 -16.16 23.07
CA LYS A 24 -3.32 -17.58 23.37
C LYS A 24 -4.40 -18.10 22.43
N ASP A 25 -5.17 -17.22 21.77
CA ASP A 25 -6.21 -17.62 20.78
C ASP A 25 -5.58 -17.92 19.42
N LEU A 26 -4.26 -17.80 19.26
CA LEU A 26 -3.61 -17.99 17.93
C LEU A 26 -3.03 -19.40 17.81
N THR A 27 -3.20 -20.01 16.63
CA THR A 27 -2.47 -21.21 16.18
C THR A 27 -1.59 -20.78 14.99
N PHE A 28 -0.27 -20.91 15.11
CA PHE A 28 0.75 -20.66 14.05
C PHE A 28 0.90 -21.88 13.14
N LEU A 29 0.75 -21.69 11.83
CA LEU A 29 0.67 -22.79 10.82
C LEU A 29 1.78 -22.71 9.77
N LYS A 30 2.18 -21.51 9.32
CA LYS A 30 3.19 -21.38 8.23
C LYS A 30 3.89 -20.03 8.30
N GLU A 31 5.19 -19.99 8.00
CA GLU A 31 5.94 -18.71 7.88
C GLU A 31 5.69 -18.19 6.46
N LEU A 32 5.30 -16.92 6.32
CA LEU A 32 4.89 -16.37 5.00
C LEU A 32 6.05 -15.60 4.36
N GLY A 33 6.78 -14.83 5.16
CA GLY A 33 7.91 -14.00 4.69
C GLY A 33 8.33 -13.06 5.80
N THR A 34 9.28 -12.18 5.52
CA THR A 34 9.71 -11.12 6.46
C THR A 34 9.70 -9.79 5.70
N GLY A 35 9.24 -8.72 6.35
CA GLY A 35 9.21 -7.37 5.78
C GLY A 35 9.81 -6.38 6.74
N GLN A 36 9.38 -5.12 6.63
CA GLN A 36 9.88 -3.95 7.39
C GLN A 36 10.06 -4.31 8.87
N PHE A 37 9.00 -4.78 9.54
CA PHE A 37 8.98 -4.95 11.02
C PHE A 37 9.29 -6.39 11.42
N GLY A 38 9.60 -7.27 10.45
CA GLY A 38 10.06 -8.64 10.71
C GLY A 38 9.14 -9.69 10.11
N VAL A 39 8.97 -10.82 10.80
CA VAL A 39 8.38 -12.06 10.20
C VAL A 39 6.86 -11.91 10.17
N VAL A 40 6.24 -12.43 9.12
CA VAL A 40 4.77 -12.58 9.01
C VAL A 40 4.45 -14.08 8.93
N LYS A 41 3.49 -14.54 9.73
CA LYS A 41 3.04 -15.95 9.73
C LYS A 41 1.55 -16.03 9.41
N TYR A 42 1.15 -17.14 8.81
CA TYR A 42 -0.24 -17.59 8.61
C TYR A 42 -0.64 -18.40 9.84
N GLY A 43 -1.84 -18.14 10.35
CA GLY A 43 -2.41 -18.93 11.46
C GLY A 43 -3.91 -18.84 11.53
N LYS A 44 -4.47 -19.41 12.60
CA LYS A 44 -5.91 -19.44 12.90
C LYS A 44 -6.14 -18.72 14.22
N TRP A 45 -7.23 -17.99 14.29
CA TRP A 45 -7.79 -17.41 15.54
C TRP A 45 -8.94 -18.31 15.99
N ARG A 46 -8.88 -18.73 17.27
CA ARG A 46 -9.88 -19.59 17.92
C ARG A 46 -10.18 -20.76 16.99
N GLY A 47 -9.14 -21.39 16.46
CA GLY A 47 -9.17 -22.68 15.74
C GLY A 47 -9.75 -22.60 14.33
N GLN A 48 -10.38 -21.49 13.96
CA GLN A 48 -11.35 -21.46 12.83
C GLN A 48 -10.97 -20.38 11.80
N TYR A 49 -10.54 -19.20 12.22
CA TYR A 49 -10.53 -17.98 11.38
C TYR A 49 -9.10 -17.69 10.92
N ASP A 50 -8.89 -17.68 9.61
CA ASP A 50 -7.59 -17.37 8.96
C ASP A 50 -7.14 -15.97 9.37
N VAL A 51 -5.88 -15.83 9.77
CA VAL A 51 -5.25 -14.52 10.11
C VAL A 51 -3.80 -14.51 9.61
N ALA A 52 -3.30 -13.32 9.32
CA ALA A 52 -1.87 -13.02 9.20
C ALA A 52 -1.41 -12.48 10.56
N ILE A 53 -0.23 -12.91 11.02
CA ILE A 53 0.34 -12.50 12.33
C ILE A 53 1.70 -11.86 12.05
N LYS A 54 1.79 -10.55 12.25
CA LYS A 54 3.05 -9.77 12.05
C LYS A 54 3.76 -9.65 13.39
N MET A 55 4.95 -10.24 13.50
CA MET A 55 5.76 -10.21 14.73
C MET A 55 6.72 -9.02 14.64
N ILE A 56 6.41 -7.94 15.37
CA ILE A 56 7.07 -6.61 15.27
C ILE A 56 8.42 -6.66 16.00
N LYS A 57 9.52 -6.59 15.23
CA LYS A 57 10.91 -6.66 15.74
C LYS A 57 11.11 -5.53 16.75
N GLU A 58 11.67 -5.86 17.91
CA GLU A 58 11.97 -4.90 19.00
C GLU A 58 12.76 -3.73 18.42
N GLY A 59 12.34 -2.49 18.72
CA GLY A 59 13.03 -1.26 18.32
C GLY A 59 12.69 -0.79 16.91
N SER A 60 11.85 -1.52 16.15
CA SER A 60 11.48 -1.18 14.76
C SER A 60 10.36 -0.12 14.72
N MET A 61 9.53 -0.04 15.76
CA MET A 61 8.25 0.70 15.70
C MET A 61 8.04 1.54 16.95
N SER A 62 7.48 2.74 16.78
CA SER A 62 6.93 3.58 17.88
C SER A 62 5.64 2.91 18.39
N GLU A 63 5.75 1.99 19.35
CA GLU A 63 4.69 0.99 19.63
C GLU A 63 3.51 1.67 20.34
N ASP A 64 3.75 2.58 21.28
CA ASP A 64 2.63 3.22 22.03
C ASP A 64 1.82 4.10 21.07
N GLU A 65 2.48 4.88 20.22
CA GLU A 65 1.78 5.69 19.18
C GLU A 65 1.02 4.77 18.23
N PHE A 66 1.63 3.67 17.78
CA PHE A 66 0.95 2.72 16.86
C PHE A 66 -0.34 2.21 17.53
N ILE A 67 -0.25 1.78 18.79
CA ILE A 67 -1.39 1.17 19.53
C ILE A 67 -2.52 2.17 19.60
N GLU A 68 -2.22 3.44 19.87
CA GLU A 68 -3.27 4.49 19.94
C GLU A 68 -3.94 4.60 18.56
N GLU A 69 -3.15 4.58 17.48
CA GLU A 69 -3.66 4.69 16.09
C GLU A 69 -4.41 3.40 15.70
N ALA A 70 -3.98 2.25 16.21
CA ALA A 70 -4.65 0.94 15.97
C ALA A 70 -6.15 1.08 16.24
N LYS A 71 -6.51 1.85 17.27
CA LYS A 71 -7.92 2.09 17.66
C LYS A 71 -8.68 2.74 16.50
N VAL A 72 -8.06 3.68 15.80
CA VAL A 72 -8.65 4.39 14.63
C VAL A 72 -8.67 3.41 13.45
N MET A 73 -7.56 2.72 13.22
CA MET A 73 -7.43 1.79 12.05
C MET A 73 -8.46 0.66 12.15
N MET A 74 -8.84 0.22 13.35
CA MET A 74 -9.87 -0.84 13.60
C MET A 74 -11.18 -0.47 12.90
N ASN A 75 -11.53 0.83 12.95
CA ASN A 75 -12.81 1.38 12.41
C ASN A 75 -12.71 1.65 10.91
N LEU A 76 -11.52 1.58 10.30
CA LEU A 76 -11.40 1.67 8.82
C LEU A 76 -11.79 0.30 8.25
N SER A 77 -12.97 0.18 7.68
CA SER A 77 -13.46 -1.08 7.09
C SER A 77 -14.02 -0.80 5.70
N HIS A 78 -13.42 -1.46 4.74
CA HIS A 78 -13.76 -1.40 3.32
C HIS A 78 -13.29 -2.71 2.72
N GLU A 79 -14.05 -3.28 1.80
CA GLU A 79 -13.74 -4.62 1.25
C GLU A 79 -12.41 -4.61 0.49
N LYS A 80 -11.85 -3.45 0.12
CA LYS A 80 -10.57 -3.41 -0.63
C LYS A 80 -9.43 -2.93 0.27
N LEU A 81 -9.66 -2.81 1.59
CA LEU A 81 -8.61 -2.49 2.60
C LEU A 81 -8.36 -3.78 3.38
N VAL A 82 -7.09 -4.20 3.51
CA VAL A 82 -6.70 -5.33 4.40
C VAL A 82 -7.11 -4.94 5.83
N GLN A 83 -8.05 -5.69 6.42
CA GLN A 83 -8.66 -5.39 7.73
C GLN A 83 -7.61 -5.64 8.83
N LEU A 84 -7.52 -4.70 9.78
CA LEU A 84 -6.83 -4.89 11.07
C LEU A 84 -7.81 -5.53 12.05
N TYR A 85 -7.50 -6.73 12.53
CA TYR A 85 -8.32 -7.49 13.52
C TYR A 85 -7.97 -7.05 14.94
N GLY A 86 -6.73 -6.64 15.17
CA GLY A 86 -6.29 -6.22 16.51
C GLY A 86 -4.80 -6.42 16.70
N VAL A 87 -4.34 -6.17 17.92
CA VAL A 87 -2.91 -6.15 18.31
C VAL A 87 -2.75 -6.96 19.60
N CYS A 88 -1.64 -7.69 19.71
CA CYS A 88 -1.26 -8.43 20.95
C CYS A 88 -0.21 -7.56 21.64
N THR A 89 -0.64 -6.86 22.69
CA THR A 89 0.02 -5.67 23.30
C THR A 89 0.84 -6.04 24.54
N LYS A 90 0.56 -7.17 25.18
CA LYS A 90 1.01 -7.36 26.60
C LYS A 90 2.42 -7.99 26.66
N GLN A 91 3.30 -7.77 25.67
CA GLN A 91 4.36 -8.76 25.37
C GLN A 91 5.47 -8.22 24.46
N ARG A 92 6.53 -9.01 24.27
CA ARG A 92 7.67 -8.69 23.37
C ARG A 92 8.02 -9.92 22.55
N PRO A 93 7.90 -9.88 21.21
CA PRO A 93 7.42 -8.67 20.51
C PRO A 93 5.89 -8.58 20.52
N ILE A 94 5.34 -7.41 20.19
CA ILE A 94 3.87 -7.27 19.97
C ILE A 94 3.52 -7.94 18.65
N PHE A 95 2.26 -8.36 18.48
CA PHE A 95 1.76 -8.91 17.20
C PHE A 95 0.71 -7.96 16.64
N ILE A 96 0.69 -7.81 15.32
CA ILE A 96 -0.41 -7.14 14.57
C ILE A 96 -1.13 -8.25 13.80
N ILE A 97 -2.43 -8.37 14.03
CA ILE A 97 -3.29 -9.45 13.48
C ILE A 97 -4.16 -8.86 12.38
N THR A 98 -4.02 -9.39 11.17
CA THR A 98 -4.68 -8.83 9.98
C THR A 98 -5.33 -9.92 9.14
N GLU A 99 -6.20 -9.46 8.26
CA GLU A 99 -6.84 -10.24 7.18
C GLU A 99 -5.76 -10.98 6.38
N TYR A 100 -5.91 -12.29 6.25
CA TYR A 100 -4.96 -13.16 5.53
C TYR A 100 -5.20 -13.02 4.01
N MET A 101 -4.13 -12.79 3.27
CA MET A 101 -4.15 -12.58 1.80
C MET A 101 -3.27 -13.65 1.14
N ALA A 102 -3.88 -14.77 0.69
CA ALA A 102 -3.14 -16.03 0.39
C ALA A 102 -2.17 -15.85 -0.78
N ASN A 103 -2.41 -14.92 -1.70
CA ASN A 103 -1.55 -14.79 -2.91
C ASN A 103 -0.41 -13.78 -2.67
N GLY A 104 -0.34 -13.20 -1.47
CA GLY A 104 0.80 -12.41 -1.01
C GLY A 104 0.88 -11.04 -1.66
N CYS A 105 2.10 -10.52 -1.76
CA CYS A 105 2.51 -9.19 -2.25
C CYS A 105 2.11 -8.96 -3.72
N LEU A 106 1.38 -7.88 -4.03
CA LEU A 106 1.02 -7.52 -5.43
C LEU A 106 2.27 -7.48 -6.32
N LEU A 107 3.36 -6.91 -5.83
CA LEU A 107 4.59 -6.76 -6.66
C LEU A 107 5.09 -8.14 -7.09
N ASN A 108 5.21 -9.10 -6.18
CA ASN A 108 5.62 -10.48 -6.53
C ASN A 108 4.62 -11.12 -7.49
N TYR A 109 3.33 -10.87 -7.28
CA TYR A 109 2.24 -11.46 -8.09
C TYR A 109 2.37 -10.95 -9.53
N LEU A 110 2.61 -9.65 -9.71
CA LEU A 110 2.75 -9.03 -11.05
C LEU A 110 3.95 -9.63 -11.78
N ARG A 111 5.03 -9.91 -11.03
CA ARG A 111 6.31 -10.36 -11.64
C ARG A 111 6.26 -11.83 -12.05
N GLU A 112 5.28 -12.60 -11.58
CA GLU A 112 5.11 -14.01 -11.98
C GLU A 112 4.50 -14.05 -13.38
N MET A 113 5.31 -14.30 -14.42
CA MET A 113 4.85 -14.18 -15.82
C MET A 113 3.87 -15.32 -16.17
N ARG A 114 3.84 -16.41 -15.38
CA ARG A 114 2.90 -17.54 -15.62
C ARG A 114 1.43 -17.07 -15.60
N HIS A 115 1.12 -16.01 -14.86
CA HIS A 115 -0.28 -15.52 -14.75
C HIS A 115 -0.81 -15.10 -16.13
N ARG A 116 0.06 -14.64 -17.03
CA ARG A 116 -0.35 -14.23 -18.39
C ARG A 116 -1.59 -13.32 -18.31
N PHE A 117 -1.47 -12.21 -17.60
CA PHE A 117 -2.60 -11.31 -17.31
C PHE A 117 -3.14 -10.71 -18.60
N GLN A 118 -4.47 -10.62 -18.70
CA GLN A 118 -5.18 -9.73 -19.65
C GLN A 118 -5.16 -8.31 -19.09
N THR A 119 -5.17 -7.32 -19.97
CA THR A 119 -5.22 -5.89 -19.55
C THR A 119 -6.50 -5.63 -18.76
N GLN A 120 -7.60 -6.38 -19.01
CA GLN A 120 -8.83 -6.22 -18.19
C GLN A 120 -8.54 -6.62 -16.73
N GLN A 121 -7.70 -7.63 -16.49
CA GLN A 121 -7.35 -7.99 -15.09
C GLN A 121 -6.51 -6.88 -14.46
N LEU A 122 -5.58 -6.29 -15.20
CA LEU A 122 -4.71 -5.22 -14.68
C LEU A 122 -5.60 -4.01 -14.32
N LEU A 123 -6.62 -3.68 -15.11
CA LEU A 123 -7.47 -2.50 -14.83
C LEU A 123 -8.29 -2.75 -13.56
N GLU A 124 -8.78 -3.98 -13.39
CA GLU A 124 -9.49 -4.41 -12.15
C GLU A 124 -8.61 -4.24 -10.92
N MET A 125 -7.30 -4.52 -11.01
CA MET A 125 -6.35 -4.32 -9.88
C MET A 125 -6.28 -2.82 -9.55
N CYS A 126 -6.17 -1.97 -10.57
CA CYS A 126 -6.21 -0.49 -10.39
C CYS A 126 -7.53 -0.07 -9.73
N LYS A 127 -8.65 -0.60 -10.20
CA LYS A 127 -9.98 -0.25 -9.62
C LYS A 127 -10.07 -0.67 -8.15
N ASP A 128 -9.63 -1.87 -7.80
CA ASP A 128 -9.61 -2.37 -6.39
C ASP A 128 -8.87 -1.33 -5.51
N VAL A 129 -7.66 -0.98 -5.89
CA VAL A 129 -6.82 -0.03 -5.10
C VAL A 129 -7.54 1.33 -5.04
N CYS A 130 -8.10 1.79 -6.15
CA CYS A 130 -8.75 3.12 -6.25
C CYS A 130 -9.99 3.19 -5.32
N GLU A 131 -10.78 2.13 -5.24
CA GLU A 131 -11.93 2.05 -4.30
C GLU A 131 -11.44 2.20 -2.86
N ALA A 132 -10.41 1.45 -2.48
CA ALA A 132 -9.77 1.51 -1.15
C ALA A 132 -9.34 2.94 -0.86
N MET A 133 -8.66 3.58 -1.81
CA MET A 133 -8.10 4.94 -1.62
C MET A 133 -9.21 5.99 -1.59
N GLU A 134 -10.27 5.81 -2.37
CA GLU A 134 -11.43 6.74 -2.32
C GLU A 134 -12.05 6.68 -0.92
N TYR A 135 -12.17 5.49 -0.34
CA TYR A 135 -12.69 5.31 1.04
C TYR A 135 -11.76 6.05 2.02
N LEU A 136 -10.46 5.80 1.94
CA LEU A 136 -9.49 6.46 2.85
C LEU A 136 -9.58 7.98 2.67
N GLU A 137 -9.62 8.47 1.42
CA GLU A 137 -9.76 9.93 1.16
C GLU A 137 -11.06 10.46 1.81
N SER A 138 -12.14 9.68 1.78
CA SER A 138 -13.45 10.08 2.36
C SER A 138 -13.31 10.22 3.88
N LYS A 139 -12.38 9.49 4.51
CA LYS A 139 -12.14 9.58 5.98
C LYS A 139 -10.96 10.51 6.27
N GLN A 140 -10.44 11.24 5.28
CA GLN A 140 -9.28 12.16 5.43
C GLN A 140 -8.10 11.39 6.05
N PHE A 141 -7.91 10.13 5.65
CA PHE A 141 -6.79 9.27 6.10
C PHE A 141 -5.81 9.12 4.94
N LEU A 142 -4.59 9.59 5.10
CA LEU A 142 -3.53 9.39 4.07
C LEU A 142 -2.89 8.02 4.25
N HIS A 143 -2.57 7.37 3.15
CA HIS A 143 -1.77 6.13 3.18
C HIS A 143 -0.33 6.48 3.58
N ARG A 144 0.28 7.43 2.86
CA ARG A 144 1.67 7.96 3.01
C ARG A 144 2.75 7.02 2.42
N ASP A 145 2.43 5.82 1.96
CA ASP A 145 3.45 4.94 1.33
C ASP A 145 2.76 3.97 0.35
N LEU A 146 1.89 4.51 -0.50
CA LEU A 146 1.13 3.67 -1.46
C LEU A 146 2.09 3.23 -2.56
N ALA A 147 2.11 1.93 -2.83
CA ALA A 147 3.01 1.27 -3.80
C ALA A 147 2.56 -0.18 -3.92
N ALA A 148 2.94 -0.86 -5.01
CA ALA A 148 2.60 -2.29 -5.23
C ALA A 148 3.13 -3.13 -4.07
N ARG A 149 4.26 -2.76 -3.46
CA ARG A 149 4.86 -3.55 -2.36
C ARG A 149 3.94 -3.51 -1.12
N ASN A 150 3.03 -2.54 -1.04
CA ASN A 150 2.08 -2.40 0.10
C ASN A 150 0.65 -2.79 -0.31
N CYS A 151 0.50 -3.53 -1.40
CA CYS A 151 -0.79 -4.15 -1.78
C CYS A 151 -0.64 -5.66 -1.68
N LEU A 152 -1.73 -6.33 -1.30
CA LEU A 152 -1.80 -7.79 -1.14
C LEU A 152 -2.90 -8.33 -2.04
N VAL A 153 -2.83 -9.62 -2.33
CA VAL A 153 -3.75 -10.31 -3.27
C VAL A 153 -4.31 -11.52 -2.52
N ASN A 154 -5.63 -11.66 -2.50
CA ASN A 154 -6.31 -12.78 -1.79
C ASN A 154 -6.43 -13.97 -2.74
N ASP A 155 -6.99 -15.07 -2.23
CA ASP A 155 -7.15 -16.36 -2.94
C ASP A 155 -8.05 -16.21 -4.18
N GLN A 156 -8.85 -15.13 -4.29
CA GLN A 156 -9.75 -14.90 -5.45
C GLN A 156 -9.13 -13.90 -6.45
N GLY A 157 -7.89 -13.46 -6.21
CA GLY A 157 -7.19 -12.51 -7.09
C GLY A 157 -7.61 -11.06 -6.85
N VAL A 158 -8.34 -10.79 -5.75
CA VAL A 158 -8.75 -9.41 -5.36
C VAL A 158 -7.54 -8.70 -4.75
N VAL A 159 -7.24 -7.49 -5.24
CA VAL A 159 -6.15 -6.67 -4.66
C VAL A 159 -6.71 -5.80 -3.53
N LYS A 160 -5.96 -5.70 -2.44
CA LYS A 160 -6.35 -4.86 -1.28
C LYS A 160 -5.15 -4.06 -0.82
N VAL A 161 -5.43 -2.87 -0.33
CA VAL A 161 -4.41 -1.92 0.18
C VAL A 161 -4.07 -2.30 1.62
N SER A 162 -2.77 -2.43 1.92
CA SER A 162 -2.25 -2.84 3.24
C SER A 162 -1.36 -1.75 3.83
N ASP A 163 -1.17 -1.78 5.15
CA ASP A 163 -0.17 -0.95 5.90
C ASP A 163 -0.46 0.54 5.75
N PHE A 164 -1.72 0.93 5.59
CA PHE A 164 -2.13 2.35 5.43
C PHE A 164 -1.69 3.11 6.68
N GLY A 165 -0.93 4.19 6.51
CA GLY A 165 -0.48 5.07 7.61
C GLY A 165 0.65 4.50 8.45
N LEU A 166 1.07 3.25 8.26
CA LEU A 166 2.06 2.60 9.18
C LEU A 166 3.44 3.26 9.12
N SER A 167 3.80 3.94 8.01
CA SER A 167 5.11 4.62 7.84
C SER A 167 5.35 5.63 8.98
N ARG A 168 4.29 6.15 9.59
CA ARG A 168 4.39 7.14 10.69
C ARG A 168 5.06 6.54 11.94
N TYR A 169 5.14 5.21 12.06
CA TYR A 169 5.60 4.53 13.31
C TYR A 169 6.94 3.83 13.08
N VAL A 170 7.55 4.02 11.90
CA VAL A 170 8.88 3.41 11.58
C VAL A 170 9.96 4.24 12.27
N LEU A 171 10.80 3.61 13.10
CA LEU A 171 11.88 4.30 13.86
C LEU A 171 13.15 4.40 13.02
N ASP A 172 13.30 3.57 12.00
CA ASP A 172 14.50 3.57 11.10
C ASP A 172 14.50 4.87 10.27
N ASP A 173 15.41 5.82 10.59
CA ASP A 173 15.51 7.17 9.96
C ASP A 173 15.82 7.04 8.45
N GLU A 174 16.46 5.96 7.99
CA GLU A 174 16.74 5.75 6.53
C GLU A 174 15.42 5.69 5.74
N TYR A 175 14.30 5.28 6.38
CA TYR A 175 12.96 5.12 5.75
C TYR A 175 12.15 6.41 5.77
N THR A 176 12.40 7.33 6.72
CA THR A 176 11.41 8.33 7.17
C THR A 176 11.67 9.73 6.61
N SER A 177 12.91 10.07 6.22
CA SER A 177 13.25 11.40 5.64
C SER A 177 13.59 11.25 4.14
N SER A 178 13.24 12.27 3.35
CA SER A 178 13.24 12.29 1.86
C SER A 178 14.59 11.81 1.29
N VAL A 179 15.71 12.25 1.87
CA VAL A 179 17.08 11.87 1.40
C VAL A 179 17.62 10.75 2.31
N GLY A 180 16.72 9.95 2.89
CA GLY A 180 17.04 8.67 3.55
C GLY A 180 17.21 7.56 2.52
N SER A 181 18.12 6.63 2.76
CA SER A 181 18.54 5.58 1.78
C SER A 181 17.36 4.69 1.41
N LYS A 182 16.32 4.62 2.26
CA LYS A 182 15.16 3.70 2.11
C LYS A 182 13.85 4.48 1.92
N PHE A 183 13.91 5.80 1.68
CA PHE A 183 12.69 6.61 1.41
C PHE A 183 12.12 6.24 0.05
N PRO A 184 10.78 6.20 -0.12
CA PRO A 184 10.16 5.87 -1.40
C PRO A 184 10.17 7.06 -2.38
N VAL A 185 11.37 7.40 -2.81
CA VAL A 185 11.62 8.52 -3.74
C VAL A 185 10.79 8.31 -5.02
N ARG A 186 10.75 7.07 -5.52
CA ARG A 186 10.21 6.79 -6.87
C ARG A 186 8.68 6.87 -6.86
N TRP A 187 8.04 6.95 -5.68
CA TRP A 187 6.59 7.07 -5.54
C TRP A 187 6.21 8.49 -5.06
N SER A 188 7.14 9.44 -5.04
CA SER A 188 6.94 10.76 -4.36
C SER A 188 6.82 11.90 -5.36
N PRO A 189 5.85 12.83 -5.18
CA PRO A 189 5.76 14.01 -6.03
C PRO A 189 6.87 15.03 -5.72
N PRO A 190 7.12 16.02 -6.60
CA PRO A 190 8.16 17.01 -6.36
C PRO A 190 8.06 17.71 -4.98
N GLU A 191 6.85 18.07 -4.54
CA GLU A 191 6.67 18.86 -3.27
C GLU A 191 7.05 18.02 -2.05
N VAL A 192 6.97 16.70 -2.12
CA VAL A 192 7.45 15.81 -1.03
C VAL A 192 8.98 15.81 -1.07
N LEU A 193 9.56 15.59 -2.24
CA LEU A 193 11.04 15.50 -2.35
C LEU A 193 11.66 16.85 -1.98
N MET A 194 11.03 17.96 -2.36
CA MET A 194 11.63 19.31 -2.21
C MET A 194 11.41 19.85 -0.80
N TYR A 195 10.24 19.66 -0.18
CA TYR A 195 10.01 20.25 1.16
C TYR A 195 9.01 19.49 2.04
N SER A 196 8.87 18.18 1.83
CA SER A 196 8.13 17.24 2.72
C SER A 196 6.67 17.69 2.83
N LYS A 197 6.08 18.17 1.74
CA LYS A 197 4.63 18.52 1.71
C LYS A 197 3.80 17.27 1.37
N PHE A 198 3.34 16.56 2.40
CA PHE A 198 2.43 15.40 2.28
C PHE A 198 0.99 15.89 2.24
N SER A 199 0.16 15.28 1.40
CA SER A 199 -1.27 15.64 1.28
C SER A 199 -2.01 14.51 0.57
N SER A 200 -3.32 14.65 0.41
CA SER A 200 -4.13 13.77 -0.47
C SER A 200 -3.45 13.66 -1.84
N LYS A 201 -2.83 14.75 -2.31
CA LYS A 201 -2.27 14.80 -3.69
C LYS A 201 -0.92 14.07 -3.78
N SER A 202 -0.25 13.77 -2.66
CA SER A 202 0.96 12.92 -2.68
C SER A 202 0.53 11.43 -2.71
N ASP A 203 -0.62 11.08 -2.12
CA ASP A 203 -1.26 9.75 -2.32
C ASP A 203 -1.70 9.60 -3.79
N ILE A 204 -2.29 10.64 -4.39
CA ILE A 204 -2.72 10.59 -5.82
C ILE A 204 -1.47 10.32 -6.69
N TRP A 205 -0.37 11.03 -6.45
CA TRP A 205 0.87 10.84 -7.26
C TRP A 205 1.30 9.38 -7.18
N ALA A 206 1.39 8.85 -5.97
CA ALA A 206 1.79 7.47 -5.66
C ALA A 206 0.87 6.48 -6.39
N PHE A 207 -0.43 6.74 -6.41
CA PHE A 207 -1.43 5.86 -7.09
C PHE A 207 -1.10 5.82 -8.58
N GLY A 208 -0.74 6.95 -9.19
CA GLY A 208 -0.30 6.98 -10.60
C GLY A 208 0.88 6.05 -10.81
N VAL A 209 1.86 6.11 -9.91
CA VAL A 209 3.07 5.26 -10.04
C VAL A 209 2.64 3.79 -9.86
N LEU A 210 1.73 3.51 -8.92
CA LEU A 210 1.21 2.13 -8.71
C LEU A 210 0.52 1.64 -10.00
N MET A 211 -0.28 2.47 -10.68
CA MET A 211 -0.90 2.08 -11.98
C MET A 211 0.20 1.71 -12.99
N TRP A 212 1.27 2.50 -13.02
CA TRP A 212 2.43 2.24 -13.89
C TRP A 212 3.09 0.91 -13.51
N GLU A 213 3.27 0.61 -12.23
CA GLU A 213 3.85 -0.67 -11.76
C GLU A 213 2.96 -1.83 -12.24
N ILE A 214 1.65 -1.71 -12.12
CA ILE A 214 0.69 -2.78 -12.53
C ILE A 214 0.81 -3.01 -14.04
N TYR A 215 0.70 -1.95 -14.84
CA TYR A 215 0.75 -2.08 -16.32
C TYR A 215 2.16 -2.48 -16.81
N SER A 216 3.20 -2.33 -15.98
CA SER A 216 4.59 -2.72 -16.31
C SER A 216 4.88 -4.13 -15.76
N LEU A 217 3.90 -4.83 -15.21
CA LEU A 217 4.10 -6.17 -14.58
C LEU A 217 5.26 -6.11 -13.57
N GLY A 218 5.28 -5.07 -12.74
CA GLY A 218 6.12 -4.99 -11.54
C GLY A 218 7.54 -4.53 -11.83
N LYS A 219 7.78 -3.89 -12.97
CA LYS A 219 9.09 -3.21 -13.18
C LYS A 219 9.27 -2.17 -12.07
N MET A 220 10.52 -1.90 -11.69
CA MET A 220 10.89 -0.75 -10.85
C MET A 220 10.63 0.53 -11.63
N PRO A 221 9.90 1.51 -11.07
CA PRO A 221 9.80 2.83 -11.70
C PRO A 221 11.16 3.48 -11.87
N TYR A 222 11.43 4.07 -13.04
CA TYR A 222 12.71 4.75 -13.34
C TYR A 222 13.88 3.76 -13.16
N GLU A 223 13.72 2.53 -13.67
CA GLU A 223 14.58 1.36 -13.30
C GLU A 223 16.06 1.60 -13.66
N ARG A 224 16.38 2.50 -14.58
CA ARG A 224 17.78 2.75 -15.02
C ARG A 224 18.41 3.91 -14.24
N PHE A 225 17.63 4.56 -13.38
CA PHE A 225 18.07 5.72 -12.57
C PHE A 225 18.26 5.32 -11.12
N THR A 226 19.17 6.02 -10.45
CA THR A 226 19.29 6.08 -8.97
C THR A 226 18.13 6.95 -8.43
N ASN A 227 17.91 6.85 -7.13
CA ASN A 227 16.99 7.76 -6.40
C ASN A 227 17.38 9.22 -6.67
N SER A 228 18.65 9.59 -6.57
CA SER A 228 19.10 11.00 -6.81
C SER A 228 18.72 11.44 -8.23
N GLU A 229 18.96 10.61 -9.23
CA GLU A 229 18.65 10.91 -10.65
C GLU A 229 17.12 11.01 -10.83
N THR A 230 16.36 10.12 -10.19
CA THR A 230 14.87 10.13 -10.24
C THR A 230 14.39 11.48 -9.70
N ALA A 231 14.88 11.89 -8.53
CA ALA A 231 14.49 13.18 -7.90
C ALA A 231 14.74 14.34 -8.87
N GLU A 232 15.91 14.39 -9.49
CA GLU A 232 16.27 15.45 -10.48
C GLU A 232 15.32 15.38 -11.68
N HIS A 233 15.06 14.18 -12.19
CA HIS A 233 14.19 13.94 -13.37
C HIS A 233 12.82 14.56 -13.11
N ILE A 234 12.18 14.20 -12.00
CA ILE A 234 10.76 14.61 -11.74
C ILE A 234 10.74 16.09 -11.36
N ALA A 235 11.75 16.59 -10.67
CA ALA A 235 11.84 18.03 -10.27
C ALA A 235 11.92 18.89 -11.53
N GLN A 236 12.60 18.44 -12.58
CA GLN A 236 12.72 19.10 -13.91
C GLN A 236 11.45 18.93 -14.75
N GLY A 237 10.47 18.17 -14.25
CA GLY A 237 9.14 18.05 -14.89
C GLY A 237 9.08 16.86 -15.84
N LEU A 238 10.07 15.97 -15.84
CA LEU A 238 10.03 14.75 -16.67
C LEU A 238 9.35 13.61 -15.89
N ARG A 239 8.84 12.63 -16.61
CA ARG A 239 7.87 11.66 -16.03
C ARG A 239 8.19 10.25 -16.52
N LEU A 240 7.60 9.26 -15.86
CA LEU A 240 7.48 7.90 -16.43
C LEU A 240 6.77 8.02 -17.79
N TYR A 241 6.96 7.05 -18.67
CA TYR A 241 6.18 7.04 -19.94
C TYR A 241 5.40 5.74 -20.03
N ARG A 242 4.66 5.60 -21.11
CA ARG A 242 3.54 4.65 -21.22
C ARG A 242 4.06 3.22 -21.21
N PRO A 243 3.63 2.36 -20.26
CA PRO A 243 3.88 0.92 -20.35
C PRO A 243 3.21 0.39 -21.64
N HIS A 244 3.85 -0.55 -22.32
CA HIS A 244 3.33 -1.18 -23.55
C HIS A 244 1.89 -1.70 -23.35
N LEU A 245 1.54 -2.21 -22.17
CA LEU A 245 0.21 -2.86 -21.94
C LEU A 245 -0.86 -1.80 -21.68
N ALA A 246 -0.48 -0.55 -21.47
CA ALA A 246 -1.46 0.54 -21.19
C ALA A 246 -1.98 1.12 -22.50
N SER A 247 -3.31 1.16 -22.67
CA SER A 247 -3.99 1.88 -23.76
C SER A 247 -3.75 3.39 -23.58
N GLU A 248 -4.03 4.19 -24.60
CA GLU A 248 -3.95 5.67 -24.52
C GLU A 248 -4.80 6.17 -23.36
N LYS A 249 -5.98 5.60 -23.17
CA LYS A 249 -6.91 6.10 -22.11
C LYS A 249 -6.37 5.75 -20.72
N VAL A 250 -5.82 4.55 -20.54
CA VAL A 250 -5.23 4.15 -19.22
C VAL A 250 -4.04 5.08 -18.94
N TYR A 251 -3.21 5.33 -19.94
CA TYR A 251 -2.00 6.18 -19.78
C TYR A 251 -2.43 7.58 -19.34
N THR A 252 -3.50 8.10 -19.93
CA THR A 252 -4.06 9.44 -19.62
C THR A 252 -4.40 9.50 -18.13
N ILE A 253 -5.00 8.44 -17.60
CA ILE A 253 -5.38 8.36 -16.17
C ILE A 253 -4.11 8.39 -15.31
N MET A 254 -3.15 7.48 -15.54
CA MET A 254 -1.97 7.46 -14.63
C MET A 254 -1.23 8.81 -14.75
N TYR A 255 -1.14 9.37 -15.96
CA TYR A 255 -0.36 10.62 -16.22
C TYR A 255 -1.02 11.81 -15.48
N SER A 256 -2.35 11.82 -15.38
CA SER A 256 -3.11 12.90 -14.73
C SER A 256 -2.69 12.99 -13.25
N CYS A 257 -2.15 11.91 -12.68
CA CYS A 257 -1.73 11.85 -11.26
C CYS A 257 -0.43 12.61 -11.03
N TRP A 258 0.27 12.99 -12.09
CA TRP A 258 1.66 13.53 -12.00
C TRP A 258 1.74 15.01 -12.43
N HIS A 259 0.62 15.74 -12.41
CA HIS A 259 0.64 17.22 -12.66
C HIS A 259 1.66 17.82 -11.69
N GLU A 260 2.54 18.69 -12.17
CA GLU A 260 3.51 19.42 -11.30
C GLU A 260 2.75 20.12 -10.17
N LYS A 261 1.65 20.81 -10.48
CA LYS A 261 0.80 21.50 -9.47
C LYS A 261 -0.14 20.47 -8.83
N ALA A 262 0.02 20.24 -7.52
CA ALA A 262 -0.75 19.26 -6.73
C ALA A 262 -2.26 19.50 -6.89
N ASP A 263 -2.74 20.75 -6.85
CA ASP A 263 -4.20 21.04 -6.92
C ASP A 263 -4.77 20.72 -8.31
N GLU A 264 -3.94 20.47 -9.34
CA GLU A 264 -4.42 20.07 -10.69
C GLU A 264 -4.52 18.54 -10.83
N ARG A 265 -4.07 17.78 -9.84
CA ARG A 265 -4.22 16.30 -9.82
C ARG A 265 -5.66 15.98 -9.44
N PRO A 266 -6.23 14.90 -9.99
CA PRO A 266 -7.60 14.51 -9.64
C PRO A 266 -7.71 14.05 -8.18
N THR A 267 -8.94 13.80 -7.74
CA THR A 267 -9.29 13.08 -6.48
C THR A 267 -9.40 11.59 -6.80
N PHE A 268 -9.47 10.76 -5.77
CA PHE A 268 -9.70 9.30 -5.94
C PHE A 268 -11.10 9.09 -6.53
N LYS A 269 -12.08 9.91 -6.15
CA LYS A 269 -13.45 9.84 -6.73
C LYS A 269 -13.39 10.05 -8.25
N ILE A 270 -12.67 11.05 -8.72
CA ILE A 270 -12.56 11.34 -10.19
C ILE A 270 -11.80 10.21 -10.87
N LEU A 271 -10.72 9.73 -10.27
CA LEU A 271 -9.94 8.60 -10.83
C LEU A 271 -10.84 7.37 -10.94
N LEU A 272 -11.63 7.07 -9.90
CA LEU A 272 -12.50 5.87 -9.93
C LEU A 272 -13.51 5.97 -11.09
N SER A 273 -14.12 7.13 -11.25
CA SER A 273 -15.02 7.41 -12.38
C SER A 273 -14.28 7.20 -13.71
N ASN A 274 -13.05 7.70 -13.84
CA ASN A 274 -12.27 7.56 -15.11
C ASN A 274 -11.95 6.09 -15.35
N ILE A 275 -11.62 5.32 -14.32
CA ILE A 275 -11.30 3.87 -14.46
C ILE A 275 -12.56 3.09 -14.85
N LEU A 276 -13.70 3.42 -14.25
CA LEU A 276 -14.98 2.76 -14.62
C LEU A 276 -15.35 3.10 -16.08
N ASP A 277 -15.16 4.35 -16.53
CA ASP A 277 -15.38 4.73 -17.95
C ASP A 277 -14.54 3.83 -18.87
N VAL A 278 -13.27 3.62 -18.55
CA VAL A 278 -12.34 2.85 -19.44
C VAL A 278 -12.78 1.38 -19.42
N MET A 279 -13.13 0.85 -18.24
CA MET A 279 -13.63 -0.54 -18.16
C MET A 279 -14.82 -0.71 -19.11
N ASP A 280 -15.73 0.27 -19.16
CA ASP A 280 -16.93 0.20 -20.03
C ASP A 280 -16.53 0.33 -21.51
N GLU A 281 -15.57 1.21 -21.83
CA GLU A 281 -15.15 1.50 -23.23
C GLU A 281 -14.23 0.39 -23.77
N GLU A 282 -13.47 -0.32 -22.93
CA GLU A 282 -12.33 -1.20 -23.35
C GLU A 282 -12.43 -2.61 -22.75
N1 IMD B . 16.94 -0.21 -10.32
C2 IMD B . 17.09 -1.01 -9.26
N3 IMD B . 17.42 -0.27 -8.22
C4 IMD B . 17.36 1.06 -8.60
C5 IMD B . 16.99 1.09 -9.89
C6 0CI C . 6.67 -10.19 2.90
C7 0CI C . 5.97 -10.39 4.26
C8 0CI C . 4.48 -10.34 3.80
C10 0CI C . 4.47 -9.23 2.72
C15 0CI C . 0.26 -12.98 3.02
C17 0CI C . 0.95 -14.83 1.54
C20 0CI C . 3.62 -13.85 1.63
C21 0CI C . 2.58 -13.18 2.34
C22 0CI C . -0.31 -11.05 4.51
C26 0CI C . -1.19 -9.45 5.72
C1 0CI C . 5.60 -7.33 -0.98
C2 0CI C . 5.49 -7.40 0.45
C3 0CI C . 6.31 -8.39 1.18
O4 0CI C . 7.48 -8.49 0.86
N5 0CI C . 5.84 -9.19 2.16
O11 0CI C . 4.14 -11.59 3.19
C12 0CI C . 2.87 -12.03 3.11
N13 0CI C . 1.92 -11.43 3.79
C14 0CI C . 0.65 -11.85 3.75
C16 0CI C . 1.24 -13.67 2.30
C18 0CI C . 1.97 -15.45 0.85
C19 0CI C . 3.29 -14.95 0.89
N23 0CI C . -1.59 -11.31 4.56
N24 0CI C . -2.16 -10.30 5.33
O27 0CI C . -1.34 -8.45 6.38
N28 0CI C . -0.03 -9.90 5.23
S DMS D . 1.41 -24.17 16.75
O DMS D . 0.35 -24.84 15.94
C1 DMS D . 1.52 -25.12 18.25
C2 DMS D . 0.65 -22.73 17.42
#